data_9DWO
#
_entry.id   9DWO
#
_cell.length_a   46.678
_cell.length_b   66.953
_cell.length_c   87.688
_cell.angle_alpha   90.00
_cell.angle_beta   90.00
_cell.angle_gamma   90.00
#
_symmetry.space_group_name_H-M   'P 21 21 21'
#
loop_
_entity.id
_entity.type
_entity.pdbx_description
1 polymer 'C4-dicarboxylate-binding protein'
2 non-polymer '(2S)-2-hydroxybutanedioic acid'
3 water water
#
_entity_poly.entity_id   1
_entity_poly.type   'polypeptide(L)'
_entity_poly.pdbx_seq_one_letter_code
;SNAAQPIVIKFSHVVAENTPKGQGALLFKKLVEQRLGGRVEVDVYPNSSLFGDGKEMEALLLGDVQMLAPSLAKFEQYTR
KVQIFDLPFLFDDIQAVDRFQRSPQGRALLTSMQGKGILGLAYWHNGMKQLSANRPLLEPEDARGLKFRVQASDVLNEQF
RQLRAISRKMSFAEVYQGLQTGVVNGTENTWSNYESQKVNEVQKYFTESNHGLVDYMVITNAKFWNGLPADIREELQRIM
DEVTVQVNLEAERLNRDARQRILASGASEIHTLSPQQRADWRQAMQPVWQKFRGNVGADLLQAAEASNRPD
;
_entity_poly.pdbx_strand_id   A
#
loop_
_chem_comp.id
_chem_comp.type
_chem_comp.name
_chem_comp.formula
LMR non-polymer '(2S)-2-hydroxybutanedioic acid' 'C4 H6 O5'
#
# COMPACT_ATOMS: atom_id res chain seq x y z
N PRO A 6 -25.12 10.96 16.23
CA PRO A 6 -23.90 10.17 16.07
C PRO A 6 -23.27 10.40 14.71
N ILE A 7 -22.02 10.87 14.72
CA ILE A 7 -21.24 11.11 13.52
C ILE A 7 -20.72 9.77 13.01
N VAL A 8 -20.98 9.49 11.74
CA VAL A 8 -20.56 8.24 11.12
C VAL A 8 -19.31 8.45 10.28
N ILE A 9 -18.30 7.62 10.53
CA ILE A 9 -17.10 7.57 9.71
C ILE A 9 -17.03 6.22 9.02
N LYS A 10 -17.37 6.21 7.74
CA LYS A 10 -17.20 5.04 6.92
CA LYS A 10 -17.20 5.03 6.92
C LYS A 10 -15.75 5.00 6.45
N PHE A 11 -15.04 3.93 6.84
CA PHE A 11 -13.65 3.71 6.48
C PHE A 11 -13.62 2.53 5.52
N SER A 12 -13.36 2.84 4.25
CA SER A 12 -13.28 1.85 3.21
C SER A 12 -11.81 1.53 2.90
N HIS A 13 -11.50 0.25 2.64
CA HIS A 13 -10.19 -0.10 2.13
C HIS A 13 -10.29 -1.38 1.30
N VAL A 14 -9.17 -1.73 0.64
CA VAL A 14 -9.20 -2.81 -0.34
C VAL A 14 -8.52 -4.09 0.15
N VAL A 15 -8.03 -4.11 1.38
CA VAL A 15 -7.29 -5.27 1.82
C VAL A 15 -8.15 -6.20 2.71
N ALA A 16 -7.58 -7.36 3.02
CA ALA A 16 -8.18 -8.31 3.94
C ALA A 16 -8.14 -7.81 5.39
N GLU A 17 -8.99 -8.36 6.25
N GLU A 17 -8.99 -8.38 6.25
CA GLU A 17 -9.02 -7.90 7.62
CA GLU A 17 -9.05 -7.91 7.62
C GLU A 17 -7.72 -8.22 8.36
C GLU A 17 -7.78 -8.25 8.39
N ASN A 18 -7.16 -9.42 8.10
CA ASN A 18 -5.98 -9.85 8.83
C ASN A 18 -4.70 -9.33 8.17
N THR A 19 -4.57 -8.00 8.16
CA THR A 19 -3.44 -7.32 7.55
C THR A 19 -3.14 -6.08 8.38
N PRO A 20 -2.01 -5.39 8.14
CA PRO A 20 -1.72 -4.16 8.88
C PRO A 20 -2.84 -3.14 8.78
N LYS A 21 -3.32 -2.87 7.56
CA LYS A 21 -4.36 -1.85 7.39
C LYS A 21 -5.69 -2.37 7.93
N GLY A 22 -6.00 -3.63 7.66
CA GLY A 22 -7.26 -4.19 8.13
C GLY A 22 -7.36 -4.10 9.65
N GLN A 23 -6.27 -4.44 10.33
CA GLN A 23 -6.28 -4.42 11.79
C GLN A 23 -6.26 -2.98 12.30
N GLY A 24 -5.56 -2.09 11.59
CA GLY A 24 -5.55 -0.70 12.00
C GLY A 24 -6.95 -0.08 11.93
N ALA A 25 -7.66 -0.33 10.84
CA ALA A 25 -9.00 0.22 10.69
C ALA A 25 -9.91 -0.30 11.83
N LEU A 26 -9.78 -1.57 12.19
CA LEU A 26 -10.61 -2.12 13.26
C LEU A 26 -10.20 -1.56 14.63
N LEU A 27 -8.90 -1.33 14.83
CA LEU A 27 -8.46 -0.79 16.11
C LEU A 27 -8.97 0.64 16.23
N PHE A 28 -9.00 1.37 15.11
CA PHE A 28 -9.51 2.72 15.12
C PHE A 28 -10.97 2.71 15.55
N LYS A 29 -11.75 1.81 14.95
CA LYS A 29 -13.16 1.63 15.28
C LYS A 29 -13.32 1.37 16.78
N LYS A 30 -12.60 0.38 17.30
CA LYS A 30 -12.69 0.02 18.71
C LYS A 30 -12.41 1.21 19.63
N LEU A 31 -11.28 1.90 19.43
CA LEU A 31 -10.88 2.97 20.34
C LEU A 31 -11.81 4.18 20.21
N VAL A 32 -12.25 4.47 18.99
CA VAL A 32 -13.18 5.58 18.85
C VAL A 32 -14.48 5.29 19.59
N GLU A 33 -15.02 4.07 19.43
CA GLU A 33 -16.33 3.78 19.99
C GLU A 33 -16.26 3.64 21.51
N GLN A 34 -15.06 3.38 22.03
CA GLN A 34 -14.86 3.29 23.47
C GLN A 34 -14.69 4.70 24.06
N ARG A 35 -14.04 5.60 23.31
CA ARG A 35 -13.75 6.95 23.77
C ARG A 35 -14.85 7.94 23.37
N LEU A 36 -15.55 7.68 22.26
CA LEU A 36 -16.60 8.59 21.79
C LEU A 36 -17.92 7.86 21.54
N GLY A 37 -18.22 6.84 22.36
CA GLY A 37 -19.41 6.03 22.17
C GLY A 37 -20.69 6.86 22.10
N GLY A 38 -21.52 6.56 21.09
CA GLY A 38 -22.79 7.25 20.90
C GLY A 38 -22.59 8.63 20.26
N ARG A 39 -21.32 9.04 20.08
CA ARG A 39 -21.02 10.33 19.47
C ARG A 39 -20.43 10.10 18.08
N VAL A 40 -19.52 9.12 17.98
CA VAL A 40 -18.89 8.79 16.70
C VAL A 40 -18.98 7.28 16.51
N GLU A 41 -19.42 6.87 15.32
CA GLU A 41 -19.47 5.47 14.92
C GLU A 41 -18.53 5.27 13.74
N VAL A 42 -17.76 4.18 13.76
CA VAL A 42 -16.86 3.88 12.66
C VAL A 42 -17.34 2.59 12.00
N ASP A 43 -17.65 2.67 10.71
N ASP A 43 -17.73 2.70 10.74
CA ASP A 43 -18.15 1.55 9.94
CA ASP A 43 -18.11 1.54 9.96
C ASP A 43 -17.08 1.12 8.93
C ASP A 43 -16.94 1.22 9.04
N VAL A 44 -16.39 0.01 9.21
CA VAL A 44 -15.26 -0.42 8.42
C VAL A 44 -15.70 -1.41 7.33
N TYR A 45 -15.27 -1.09 6.10
CA TYR A 45 -15.55 -1.89 4.93
C TYR A 45 -14.25 -2.38 4.31
N PRO A 46 -13.81 -3.61 4.60
CA PRO A 46 -12.60 -4.16 3.99
C PRO A 46 -12.84 -4.78 2.63
N ASN A 47 -11.73 -5.20 1.99
CA ASN A 47 -11.77 -6.00 0.77
C ASN A 47 -12.63 -5.40 -0.35
N SER A 48 -12.60 -4.07 -0.47
CA SER A 48 -13.33 -3.38 -1.52
C SER A 48 -14.84 -3.59 -1.41
N SER A 49 -15.34 -3.88 -0.20
CA SER A 49 -16.77 -4.15 -0.05
C SER A 49 -17.62 -2.89 -0.18
N LEU A 50 -17.01 -1.71 -0.07
CA LEU A 50 -17.75 -0.47 -0.27
C LEU A 50 -17.28 0.13 -1.58
N PHE A 51 -15.97 0.45 -1.64
CA PHE A 51 -15.35 0.99 -2.84
C PHE A 51 -14.00 0.30 -3.05
N GLY A 52 -13.65 0.10 -4.31
CA GLY A 52 -12.37 -0.46 -4.70
C GLY A 52 -11.39 0.63 -5.12
N ASP A 53 -10.22 0.20 -5.62
CA ASP A 53 -9.16 1.09 -6.04
C ASP A 53 -9.61 2.19 -6.98
N GLY A 54 -10.39 1.82 -7.99
CA GLY A 54 -10.71 2.77 -9.04
C GLY A 54 -11.69 3.88 -8.64
N LYS A 55 -12.41 3.72 -7.52
CA LYS A 55 -13.50 4.64 -7.26
C LYS A 55 -13.48 5.26 -5.87
N GLU A 56 -12.56 4.84 -5.00
CA GLU A 56 -12.58 5.29 -3.61
C GLU A 56 -12.28 6.78 -3.44
N MET A 57 -11.34 7.33 -4.21
CA MET A 57 -10.95 8.72 -3.98
C MET A 57 -12.08 9.69 -4.28
N GLU A 58 -12.77 9.46 -5.40
CA GLU A 58 -13.87 10.32 -5.75
C GLU A 58 -15.02 10.17 -4.76
N ALA A 59 -15.19 8.97 -4.20
CA ALA A 59 -16.24 8.71 -3.23
C ALA A 59 -15.93 9.52 -1.98
N LEU A 60 -14.64 9.60 -1.63
CA LEU A 60 -14.20 10.37 -0.48
C LEU A 60 -14.49 11.85 -0.71
N LEU A 61 -14.19 12.34 -1.93
CA LEU A 61 -14.39 13.76 -2.23
C LEU A 61 -15.87 14.13 -2.24
N LEU A 62 -16.71 13.16 -2.64
CA LEU A 62 -18.15 13.36 -2.73
C LEU A 62 -18.82 13.26 -1.37
N GLY A 63 -18.21 12.50 -0.44
CA GLY A 63 -18.74 12.35 0.90
C GLY A 63 -19.47 11.03 1.12
N ASP A 64 -19.30 10.07 0.19
CA ASP A 64 -19.89 8.73 0.32
C ASP A 64 -19.10 7.88 1.31
N VAL A 65 -17.85 8.30 1.58
N VAL A 65 -17.86 8.32 1.58
CA VAL A 65 -16.99 7.64 2.55
CA VAL A 65 -17.04 7.70 2.60
C VAL A 65 -16.23 8.77 3.26
C VAL A 65 -16.32 8.83 3.32
N GLN A 66 -15.82 8.54 4.51
CA GLN A 66 -15.16 9.57 5.30
C GLN A 66 -13.66 9.32 5.54
N MET A 67 -13.18 8.09 5.32
CA MET A 67 -11.79 7.81 5.62
C MET A 67 -11.31 6.70 4.71
N LEU A 68 -10.10 6.86 4.17
CA LEU A 68 -9.45 5.87 3.32
C LEU A 68 -8.01 5.76 3.80
N ALA A 69 -7.30 4.75 3.30
CA ALA A 69 -5.86 4.67 3.55
C ALA A 69 -5.21 4.03 2.33
N PRO A 70 -5.22 4.70 1.16
CA PRO A 70 -4.65 4.14 -0.06
C PRO A 70 -3.14 4.08 -0.01
N SER A 71 -2.57 3.14 -0.77
CA SER A 71 -1.16 3.09 -1.04
C SER A 71 -0.64 4.43 -1.56
N LEU A 72 0.57 4.79 -1.13
CA LEU A 72 1.24 6.01 -1.59
C LEU A 72 1.47 5.97 -3.10
N ALA A 73 1.35 4.77 -3.71
CA ALA A 73 1.54 4.63 -5.15
C ALA A 73 0.34 5.11 -5.95
N LYS A 74 -0.76 5.47 -5.29
CA LYS A 74 -2.02 5.65 -6.00
C LYS A 74 -2.51 7.10 -6.00
N PHE A 75 -1.62 8.07 -5.80
CA PHE A 75 -2.10 9.44 -5.67
C PHE A 75 -1.80 10.38 -6.85
N GLU A 76 -1.22 9.86 -7.94
N GLU A 76 -1.28 9.85 -7.97
CA GLU A 76 -0.76 10.72 -9.04
CA GLU A 76 -0.78 10.70 -9.05
C GLU A 76 -1.85 11.64 -9.60
C GLU A 76 -1.88 11.54 -9.72
N GLN A 77 -3.11 11.18 -9.62
N GLN A 77 -3.16 11.23 -9.47
CA GLN A 77 -4.16 12.06 -10.13
CA GLN A 77 -4.21 12.03 -10.07
C GLN A 77 -4.34 13.31 -9.29
C GLN A 77 -4.58 13.20 -9.16
N TYR A 78 -3.91 13.30 -8.02
CA TYR A 78 -4.17 14.38 -7.06
C TYR A 78 -2.90 15.18 -6.72
N THR A 79 -1.74 14.50 -6.73
CA THR A 79 -0.44 15.16 -6.52
C THR A 79 0.62 14.25 -7.10
N ARG A 80 1.74 14.83 -7.55
CA ARG A 80 2.87 13.99 -7.95
C ARG A 80 3.97 14.05 -6.88
N LYS A 81 3.68 14.67 -5.74
CA LYS A 81 4.68 14.84 -4.71
CA LYS A 81 4.67 14.85 -4.70
C LYS A 81 4.91 13.58 -3.89
N VAL A 82 4.04 12.57 -4.00
CA VAL A 82 4.30 11.40 -3.18
C VAL A 82 4.87 10.27 -4.04
N GLN A 83 5.18 10.54 -5.32
CA GLN A 83 5.82 9.58 -6.20
C GLN A 83 7.14 9.07 -5.63
N ILE A 84 7.82 9.89 -4.83
CA ILE A 84 9.08 9.51 -4.24
C ILE A 84 8.97 8.11 -3.59
N PHE A 85 7.81 7.80 -3.04
CA PHE A 85 7.68 6.57 -2.27
C PHE A 85 7.70 5.34 -3.16
N ASP A 86 7.52 5.51 -4.46
CA ASP A 86 7.52 4.40 -5.41
C ASP A 86 8.89 4.13 -6.04
N LEU A 87 9.88 4.98 -5.81
CA LEU A 87 11.18 4.78 -6.44
C LEU A 87 11.85 3.52 -5.91
N PRO A 88 12.28 2.60 -6.77
CA PRO A 88 12.84 1.35 -6.27
C PRO A 88 14.18 1.55 -5.57
N PHE A 89 14.36 0.85 -4.45
CA PHE A 89 15.61 0.84 -3.70
C PHE A 89 15.96 2.22 -3.13
N LEU A 90 15.00 3.12 -3.05
CA LEU A 90 15.25 4.41 -2.41
C LEU A 90 15.32 4.26 -0.89
N PHE A 91 14.49 3.38 -0.34
CA PHE A 91 14.46 3.11 1.10
C PHE A 91 14.93 1.69 1.33
N ASP A 92 15.92 1.52 2.19
CA ASP A 92 16.47 0.21 2.44
C ASP A 92 15.46 -0.71 3.12
N ASP A 93 14.68 -0.14 4.03
CA ASP A 93 13.77 -0.89 4.88
C ASP A 93 12.71 0.06 5.38
N ILE A 94 11.74 -0.48 6.14
CA ILE A 94 10.64 0.33 6.61
C ILE A 94 11.13 1.36 7.63
N GLN A 95 12.21 1.07 8.35
CA GLN A 95 12.75 2.04 9.28
C GLN A 95 13.21 3.29 8.51
N ALA A 96 13.78 3.12 7.33
CA ALA A 96 14.19 4.26 6.50
C ALA A 96 12.99 5.06 6.00
N VAL A 97 11.94 4.35 5.57
N VAL A 97 11.90 4.39 5.57
CA VAL A 97 10.70 4.97 5.15
CA VAL A 97 10.76 5.16 5.08
C VAL A 97 10.17 5.84 6.29
C VAL A 97 10.09 5.85 6.28
N ASP A 98 10.16 5.25 7.48
CA ASP A 98 9.61 5.88 8.67
C ASP A 98 10.34 7.20 8.95
N ARG A 99 11.68 7.17 8.87
CA ARG A 99 12.49 8.36 9.13
C ARG A 99 12.11 9.49 8.18
N PHE A 100 11.80 9.14 6.92
CA PHE A 100 11.41 10.14 5.94
C PHE A 100 10.00 10.64 6.26
N GLN A 101 9.08 9.72 6.52
CA GLN A 101 7.71 10.08 6.82
C GLN A 101 7.58 11.00 8.05
N ARG A 102 8.41 10.76 9.06
CA ARG A 102 8.31 11.49 10.33
C ARG A 102 9.05 12.82 10.28
N SER A 103 9.91 13.00 9.26
CA SER A 103 10.70 14.21 9.11
C SER A 103 9.81 15.38 8.69
N PRO A 104 10.29 16.64 8.80
CA PRO A 104 9.51 17.79 8.34
C PRO A 104 9.04 17.67 6.89
N GLN A 105 9.90 17.16 6.01
CA GLN A 105 9.52 17.05 4.61
C GLN A 105 8.43 15.98 4.42
N GLY A 106 8.54 14.85 5.16
CA GLY A 106 7.52 13.81 5.09
C GLY A 106 6.17 14.29 5.62
N ARG A 107 6.19 15.03 6.71
CA ARG A 107 4.97 15.54 7.30
C ARG A 107 4.28 16.51 6.33
N ALA A 108 5.08 17.29 5.59
CA ALA A 108 4.49 18.26 4.71
C ALA A 108 3.70 17.58 3.58
N LEU A 109 4.08 16.35 3.21
CA LEU A 109 3.37 15.67 2.14
C LEU A 109 1.92 15.31 2.55
N LEU A 110 1.63 15.26 3.84
CA LEU A 110 0.27 15.01 4.33
C LEU A 110 -0.69 16.10 3.87
N THR A 111 -0.18 17.30 3.55
CA THR A 111 -1.05 18.38 3.09
C THR A 111 -0.91 18.58 1.59
N SER A 112 -0.22 17.68 0.89
CA SER A 112 0.03 17.84 -0.53
C SER A 112 -1.25 17.91 -1.38
N MET A 113 -2.37 17.43 -0.85
CA MET A 113 -3.60 17.36 -1.63
C MET A 113 -4.69 18.22 -1.00
N GLN A 114 -4.30 19.13 -0.10
CA GLN A 114 -5.26 19.97 0.60
C GLN A 114 -6.05 20.83 -0.39
N GLY A 115 -5.38 21.29 -1.46
CA GLY A 115 -6.03 22.13 -2.47
C GLY A 115 -7.10 21.37 -3.25
N LYS A 116 -7.02 20.04 -3.18
CA LYS A 116 -7.95 19.13 -3.83
C LYS A 116 -9.06 18.71 -2.85
N GLY A 117 -8.98 19.12 -1.58
CA GLY A 117 -9.98 18.80 -0.57
C GLY A 117 -9.66 17.54 0.24
N ILE A 118 -8.42 17.04 0.13
CA ILE A 118 -7.98 15.84 0.83
C ILE A 118 -6.99 16.22 1.92
N LEU A 119 -7.21 15.67 3.11
CA LEU A 119 -6.32 15.87 4.23
C LEU A 119 -5.67 14.55 4.66
N GLY A 120 -4.32 14.55 4.81
CA GLY A 120 -3.57 13.39 5.28
C GLY A 120 -3.47 13.44 6.80
N LEU A 121 -3.79 12.32 7.46
CA LEU A 121 -3.84 12.30 8.91
C LEU A 121 -2.67 11.53 9.50
N ALA A 122 -2.11 10.59 8.74
CA ALA A 122 -1.06 9.73 9.24
C ALA A 122 -0.52 8.85 8.14
N TYR A 123 0.66 8.28 8.37
CA TYR A 123 1.22 7.26 7.52
C TYR A 123 1.10 5.94 8.27
N TRP A 124 0.65 4.90 7.56
CA TRP A 124 0.64 3.55 8.10
C TRP A 124 1.54 2.67 7.27
N HIS A 125 2.34 1.83 7.92
CA HIS A 125 3.19 0.91 7.19
C HIS A 125 2.46 -0.39 6.83
N ASN A 126 2.86 -0.95 5.68
CA ASN A 126 2.57 -2.34 5.39
C ASN A 126 3.91 -3.04 5.40
N GLY A 127 4.69 -2.86 4.32
CA GLY A 127 5.99 -3.51 4.32
C GLY A 127 6.69 -3.34 2.99
N MET A 128 7.82 -4.05 2.87
CA MET A 128 8.59 -4.03 1.63
C MET A 128 7.95 -4.93 0.59
N LYS A 129 8.15 -4.53 -0.66
CA LYS A 129 7.67 -5.33 -1.78
C LYS A 129 8.69 -6.38 -2.22
N GLN A 130 8.12 -7.52 -2.57
CA GLN A 130 8.80 -8.66 -3.16
C GLN A 130 8.28 -8.85 -4.58
N LEU A 131 8.96 -9.69 -5.35
CA LEU A 131 8.56 -10.02 -6.71
C LEU A 131 7.98 -11.43 -6.79
N SER A 132 7.04 -11.63 -7.70
CA SER A 132 6.53 -12.97 -7.94
C SER A 132 6.32 -13.18 -9.43
N ALA A 133 6.34 -14.46 -9.85
CA ALA A 133 6.13 -14.81 -11.24
C ALA A 133 5.88 -16.31 -11.36
N ASN A 134 5.56 -16.76 -12.59
CA ASN A 134 5.34 -18.17 -12.89
C ASN A 134 6.66 -18.86 -13.26
N ARG A 135 7.74 -18.07 -13.28
CA ARG A 135 9.07 -18.59 -13.48
C ARG A 135 10.00 -17.95 -12.47
N PRO A 136 11.18 -18.56 -12.19
CA PRO A 136 12.12 -17.98 -11.23
C PRO A 136 12.62 -16.61 -11.64
N LEU A 137 12.70 -15.69 -10.68
CA LEU A 137 13.29 -14.38 -10.90
C LEU A 137 14.60 -14.28 -10.11
N LEU A 138 15.68 -14.78 -10.70
CA LEU A 138 16.96 -14.79 -9.99
C LEU A 138 17.72 -13.50 -10.30
N GLU A 139 17.74 -13.11 -11.58
CA GLU A 139 18.47 -11.93 -11.99
C GLU A 139 17.53 -11.12 -12.86
N PRO A 140 17.79 -9.81 -13.04
CA PRO A 140 16.88 -8.95 -13.79
C PRO A 140 16.54 -9.45 -15.20
N GLU A 141 17.46 -10.14 -15.87
CA GLU A 141 17.18 -10.63 -17.20
C GLU A 141 15.92 -11.53 -17.19
N ASP A 142 15.67 -12.18 -16.06
CA ASP A 142 14.55 -13.10 -15.90
C ASP A 142 13.18 -12.42 -16.03
N ALA A 143 13.12 -11.10 -15.81
CA ALA A 143 11.87 -10.38 -15.91
C ALA A 143 11.54 -10.02 -17.35
N ARG A 144 12.52 -10.14 -18.26
CA ARG A 144 12.33 -9.71 -19.64
C ARG A 144 11.16 -10.46 -20.25
N GLY A 145 10.21 -9.71 -20.82
CA GLY A 145 9.10 -10.29 -21.58
C GLY A 145 7.93 -10.72 -20.70
N LEU A 146 8.06 -10.55 -19.39
CA LEU A 146 6.97 -10.96 -18.49
C LEU A 146 5.91 -9.86 -18.41
N LYS A 147 4.74 -10.18 -17.85
CA LYS A 147 3.64 -9.23 -17.76
C LYS A 147 3.30 -9.01 -16.30
N PHE A 148 3.73 -7.88 -15.74
CA PHE A 148 3.50 -7.62 -14.34
C PHE A 148 2.28 -6.76 -14.07
N ARG A 149 1.48 -7.21 -13.11
CA ARG A 149 0.45 -6.34 -12.58
C ARG A 149 1.12 -5.30 -11.69
N VAL A 150 0.65 -4.04 -11.79
CA VAL A 150 1.13 -2.97 -10.95
C VAL A 150 -0.05 -2.15 -10.46
N GLN A 151 0.16 -1.49 -9.32
CA GLN A 151 -0.72 -0.41 -8.89
C GLN A 151 -0.69 0.66 -9.99
N ALA A 152 -1.68 1.56 -9.99
CA ALA A 152 -1.79 2.56 -11.03
C ALA A 152 -0.84 3.72 -10.78
N SER A 153 0.43 3.50 -11.10
CA SER A 153 1.51 4.43 -10.88
C SER A 153 2.41 4.52 -12.11
N ASP A 154 2.68 5.75 -12.56
CA ASP A 154 3.61 5.97 -13.66
C ASP A 154 5.01 5.45 -13.31
N VAL A 155 5.41 5.62 -12.04
CA VAL A 155 6.73 5.19 -11.60
C VAL A 155 6.85 3.67 -11.73
N LEU A 156 5.81 2.94 -11.33
CA LEU A 156 5.87 1.49 -11.33
C LEU A 156 5.79 0.97 -12.77
N ASN A 157 5.04 1.68 -13.63
CA ASN A 157 5.04 1.35 -15.06
C ASN A 157 6.48 1.41 -15.58
N GLU A 158 7.16 2.51 -15.27
CA GLU A 158 8.52 2.75 -15.72
C GLU A 158 9.47 1.70 -15.15
N GLN A 159 9.24 1.31 -13.91
CA GLN A 159 10.10 0.32 -13.27
C GLN A 159 10.15 -0.96 -14.11
N PHE A 160 8.99 -1.41 -14.58
CA PHE A 160 8.96 -2.67 -15.32
C PHE A 160 9.35 -2.44 -16.79
N ARG A 161 9.06 -1.26 -17.32
CA ARG A 161 9.52 -0.97 -18.66
C ARG A 161 11.06 -1.07 -18.69
N GLN A 162 11.70 -0.60 -17.61
CA GLN A 162 13.15 -0.57 -17.49
C GLN A 162 13.71 -2.00 -17.51
N LEU A 163 12.92 -2.95 -16.99
CA LEU A 163 13.26 -4.36 -16.97
C LEU A 163 12.88 -5.07 -18.27
N ARG A 164 12.44 -4.32 -19.29
N ARG A 164 12.40 -4.32 -19.26
CA ARG A 164 12.03 -4.88 -20.57
CA ARG A 164 12.03 -4.86 -20.56
C ARG A 164 10.83 -5.82 -20.42
C ARG A 164 10.84 -5.81 -20.42
N ALA A 165 9.93 -5.46 -19.52
CA ALA A 165 8.72 -6.23 -19.27
C ALA A 165 7.51 -5.35 -19.59
N ILE A 166 6.36 -5.99 -19.61
CA ILE A 166 5.09 -5.34 -19.84
C ILE A 166 4.48 -5.11 -18.46
N SER A 167 3.87 -3.94 -18.23
CA SER A 167 3.12 -3.75 -17.01
C SER A 167 1.65 -3.50 -17.37
N ARG A 168 0.78 -3.90 -16.45
CA ARG A 168 -0.65 -3.73 -16.58
C ARG A 168 -1.19 -3.21 -15.26
N LYS A 169 -1.78 -2.02 -15.32
CA LYS A 169 -2.41 -1.43 -14.16
C LYS A 169 -3.71 -2.17 -13.92
N MET A 170 -3.87 -2.69 -12.71
CA MET A 170 -5.09 -3.38 -12.34
C MET A 170 -5.44 -3.08 -10.89
N SER A 171 -6.73 -3.08 -10.61
N SER A 171 -6.74 -3.11 -10.60
CA SER A 171 -7.18 -2.87 -9.24
CA SER A 171 -7.21 -2.91 -9.25
C SER A 171 -6.76 -4.07 -8.39
C SER A 171 -6.69 -4.06 -8.40
N PHE A 172 -6.50 -3.80 -7.10
CA PHE A 172 -6.05 -4.83 -6.19
C PHE A 172 -7.00 -6.02 -6.16
N ALA A 173 -8.32 -5.76 -6.23
CA ALA A 173 -9.28 -6.86 -6.12
C ALA A 173 -9.12 -7.85 -7.28
N GLU A 174 -8.63 -7.38 -8.45
CA GLU A 174 -8.57 -8.21 -9.63
C GLU A 174 -7.26 -8.96 -9.86
N VAL A 175 -6.27 -8.82 -8.96
CA VAL A 175 -4.97 -9.42 -9.18
C VAL A 175 -5.05 -10.94 -9.33
N TYR A 176 -5.74 -11.61 -8.41
CA TYR A 176 -5.79 -13.06 -8.40
C TYR A 176 -6.30 -13.60 -9.73
N GLN A 177 -7.43 -13.06 -10.20
CA GLN A 177 -7.97 -13.55 -11.46
C GLN A 177 -7.11 -13.13 -12.65
N GLY A 178 -6.48 -11.96 -12.55
CA GLY A 178 -5.56 -11.52 -13.57
C GLY A 178 -4.46 -12.55 -13.81
N LEU A 179 -3.85 -13.05 -12.72
CA LEU A 179 -2.79 -14.05 -12.81
C LEU A 179 -3.33 -15.42 -13.19
N GLN A 180 -4.52 -15.75 -12.69
CA GLN A 180 -5.11 -17.04 -13.00
C GLN A 180 -5.39 -17.15 -14.51
N THR A 181 -5.92 -16.09 -15.14
CA THR A 181 -6.25 -16.15 -16.57
C THR A 181 -5.01 -15.93 -17.45
N GLY A 182 -3.95 -15.38 -16.90
CA GLY A 182 -2.73 -15.17 -17.65
C GLY A 182 -2.65 -13.81 -18.34
N VAL A 183 -3.60 -12.88 -18.06
CA VAL A 183 -3.50 -11.52 -18.61
C VAL A 183 -2.27 -10.84 -18.01
N VAL A 184 -1.88 -11.28 -16.82
CA VAL A 184 -0.60 -10.97 -16.21
C VAL A 184 -0.03 -12.31 -15.74
N ASN A 185 1.29 -12.35 -15.51
CA ASN A 185 1.94 -13.56 -15.03
C ASN A 185 2.97 -13.29 -13.94
N GLY A 186 3.09 -12.04 -13.49
CA GLY A 186 3.91 -11.73 -12.31
C GLY A 186 3.37 -10.47 -11.65
N THR A 187 3.90 -10.16 -10.46
CA THR A 187 3.53 -8.92 -9.82
C THR A 187 4.55 -8.62 -8.72
N GLU A 188 4.26 -7.58 -7.94
CA GLU A 188 5.06 -7.21 -6.80
C GLU A 188 4.09 -6.90 -5.66
N ASN A 189 4.46 -7.24 -4.41
CA ASN A 189 3.61 -6.90 -3.30
C ASN A 189 4.26 -7.31 -1.98
N THR A 190 3.64 -6.95 -0.87
CA THR A 190 4.12 -7.40 0.43
C THR A 190 3.68 -8.86 0.66
N TRP A 191 4.37 -9.53 1.58
CA TRP A 191 3.98 -10.90 1.93
C TRP A 191 2.52 -10.96 2.40
N SER A 192 2.13 -9.99 3.22
CA SER A 192 0.81 -9.90 3.77
C SER A 192 -0.25 -9.87 2.68
N ASN A 193 -0.05 -9.01 1.67
CA ASN A 193 -1.03 -8.93 0.60
C ASN A 193 -1.04 -10.21 -0.23
N TYR A 194 0.13 -10.78 -0.46
CA TYR A 194 0.16 -11.99 -1.25
C TYR A 194 -0.64 -13.11 -0.55
N GLU A 195 -0.29 -13.38 0.69
CA GLU A 195 -0.92 -14.51 1.39
C GLU A 195 -2.41 -14.27 1.66
N SER A 196 -2.77 -13.08 2.08
CA SER A 196 -4.13 -12.80 2.49
C SER A 196 -5.10 -12.89 1.32
N GLN A 197 -4.61 -12.66 0.10
CA GLN A 197 -5.46 -12.77 -1.08
C GLN A 197 -5.23 -14.08 -1.82
N LYS A 198 -4.38 -14.96 -1.26
CA LYS A 198 -4.10 -16.29 -1.79
C LYS A 198 -3.43 -16.24 -3.16
N VAL A 199 -2.72 -15.15 -3.45
CA VAL A 199 -2.06 -15.02 -4.73
C VAL A 199 -0.91 -16.01 -4.87
N ASN A 200 -0.41 -16.55 -3.74
CA ASN A 200 0.59 -17.60 -3.81
C ASN A 200 0.04 -18.85 -4.51
N GLU A 201 -1.29 -18.99 -4.57
CA GLU A 201 -1.89 -20.13 -5.27
C GLU A 201 -1.65 -20.07 -6.78
N VAL A 202 -1.43 -18.86 -7.32
CA VAL A 202 -1.20 -18.71 -8.77
C VAL A 202 0.17 -18.11 -9.07
N GLN A 203 1.06 -18.08 -8.06
CA GLN A 203 2.43 -17.64 -8.27
C GLN A 203 3.34 -18.65 -7.57
N LYS A 204 4.05 -19.45 -8.36
CA LYS A 204 4.90 -20.47 -7.76
C LYS A 204 6.21 -19.89 -7.23
N TYR A 205 6.71 -18.81 -7.84
CA TYR A 205 8.04 -18.33 -7.52
C TYR A 205 8.02 -16.90 -6.97
N PHE A 206 8.60 -16.73 -5.79
CA PHE A 206 8.79 -15.43 -5.19
C PHE A 206 10.29 -15.17 -5.07
N THR A 207 10.65 -13.89 -5.18
CA THR A 207 12.00 -13.43 -4.90
C THR A 207 11.91 -12.36 -3.82
N GLU A 208 12.70 -12.54 -2.76
CA GLU A 208 12.71 -11.60 -1.63
C GLU A 208 13.66 -10.46 -1.98
N SER A 209 13.15 -9.53 -2.79
CA SER A 209 13.92 -8.43 -3.37
C SER A 209 13.90 -7.18 -2.48
N ASN A 210 12.82 -6.97 -1.69
CA ASN A 210 12.71 -5.76 -0.88
C ASN A 210 13.01 -4.52 -1.73
N HIS A 211 12.47 -4.47 -2.95
CA HIS A 211 12.89 -3.46 -3.94
C HIS A 211 12.06 -2.19 -3.91
N GLY A 212 11.04 -2.19 -3.07
CA GLY A 212 10.15 -1.05 -2.91
C GLY A 212 9.31 -1.31 -1.68
N LEU A 213 8.22 -0.54 -1.54
CA LEU A 213 7.34 -0.71 -0.39
C LEU A 213 5.91 -0.40 -0.74
N VAL A 214 5.04 -0.87 0.15
CA VAL A 214 3.65 -0.50 0.18
C VAL A 214 3.42 0.10 1.56
N ASP A 215 3.13 1.39 1.57
CA ASP A 215 2.75 2.12 2.75
C ASP A 215 1.53 2.95 2.38
N TYR A 216 0.87 3.46 3.41
CA TYR A 216 -0.38 4.15 3.20
C TYR A 216 -0.38 5.54 3.79
N MET A 217 -1.19 6.38 3.16
CA MET A 217 -1.55 7.64 3.78
C MET A 217 -3.02 7.56 4.19
N VAL A 218 -3.28 7.65 5.49
CA VAL A 218 -4.65 7.72 5.98
C VAL A 218 -5.14 9.12 5.65
N ILE A 219 -6.25 9.18 4.92
CA ILE A 219 -6.81 10.43 4.45
C ILE A 219 -8.30 10.56 4.78
N THR A 220 -8.75 11.81 4.81
CA THR A 220 -10.16 12.10 4.94
C THR A 220 -10.51 13.27 4.02
N ASN A 221 -11.82 13.56 3.97
CA ASN A 221 -12.40 14.66 3.25
C ASN A 221 -12.25 15.91 4.14
N ALA A 222 -11.54 16.94 3.65
CA ALA A 222 -11.27 18.10 4.49
C ALA A 222 -12.57 18.78 4.93
N LYS A 223 -13.60 18.80 4.06
CA LYS A 223 -14.85 19.44 4.42
C LYS A 223 -15.46 18.72 5.62
N PHE A 224 -15.48 17.38 5.55
CA PHE A 224 -16.00 16.57 6.64
C PHE A 224 -15.18 16.79 7.90
N TRP A 225 -13.85 16.68 7.78
CA TRP A 225 -12.97 16.74 8.93
C TRP A 225 -13.07 18.11 9.60
N ASN A 226 -13.11 19.16 8.77
CA ASN A 226 -13.16 20.52 9.27
C ASN A 226 -14.53 20.85 9.85
N GLY A 227 -15.55 20.07 9.46
CA GLY A 227 -16.91 20.32 9.91
C GLY A 227 -17.21 19.70 11.27
N LEU A 228 -16.34 18.79 11.70
CA LEU A 228 -16.49 18.11 12.98
C LEU A 228 -16.42 19.12 14.13
N PRO A 229 -17.14 18.88 15.24
CA PRO A 229 -16.96 19.68 16.45
C PRO A 229 -15.48 19.54 16.78
N ALA A 230 -14.88 20.63 17.29
CA ALA A 230 -13.44 20.67 17.50
C ALA A 230 -12.95 19.55 18.42
N ASP A 231 -13.71 19.26 19.48
CA ASP A 231 -13.31 18.26 20.45
C ASP A 231 -13.24 16.88 19.79
N ILE A 232 -14.21 16.62 18.92
CA ILE A 232 -14.26 15.34 18.24
C ILE A 232 -13.08 15.23 17.29
N ARG A 233 -12.76 16.31 16.58
CA ARG A 233 -11.65 16.27 15.63
C ARG A 233 -10.33 16.05 16.36
N GLU A 234 -10.10 16.81 17.43
CA GLU A 234 -8.85 16.70 18.16
C GLU A 234 -8.68 15.30 18.76
N GLU A 235 -9.78 14.72 19.29
CA GLU A 235 -9.71 13.41 19.92
C GLU A 235 -9.45 12.32 18.86
N LEU A 236 -10.15 12.40 17.75
CA LEU A 236 -9.94 11.45 16.66
C LEU A 236 -8.48 11.46 16.23
N GLN A 237 -7.83 12.63 16.25
CA GLN A 237 -6.47 12.72 15.76
C GLN A 237 -5.54 12.06 16.77
N ARG A 238 -5.86 12.22 18.06
CA ARG A 238 -5.04 11.60 19.08
C ARG A 238 -5.17 10.07 18.98
N ILE A 239 -6.40 9.59 18.70
CA ILE A 239 -6.64 8.17 18.60
C ILE A 239 -5.93 7.64 17.35
N MET A 240 -6.00 8.40 16.26
CA MET A 240 -5.34 7.97 15.04
C MET A 240 -3.83 7.77 15.29
N ASP A 241 -3.21 8.70 16.01
CA ASP A 241 -1.79 8.61 16.28
C ASP A 241 -1.48 7.35 17.11
N GLU A 242 -2.37 7.01 18.06
N GLU A 242 -2.36 7.01 18.06
CA GLU A 242 -2.19 5.84 18.90
CA GLU A 242 -2.15 5.82 18.89
C GLU A 242 -2.27 4.59 18.03
C GLU A 242 -2.27 4.57 18.02
N VAL A 243 -3.29 4.54 17.17
CA VAL A 243 -3.49 3.39 16.29
C VAL A 243 -2.26 3.22 15.40
N THR A 244 -1.77 4.35 14.86
CA THR A 244 -0.61 4.34 13.98
C THR A 244 0.58 3.65 14.67
N VAL A 245 0.80 3.93 15.95
CA VAL A 245 1.91 3.29 16.64
C VAL A 245 1.71 1.77 16.64
N GLN A 246 0.48 1.33 16.85
CA GLN A 246 0.20 -0.11 16.89
C GLN A 246 0.34 -0.76 15.51
N VAL A 247 -0.21 -0.10 14.48
CA VAL A 247 -0.08 -0.58 13.12
C VAL A 247 1.39 -0.76 12.78
N ASN A 248 2.18 0.26 13.07
CA ASN A 248 3.57 0.30 12.66
C ASN A 248 4.43 -0.64 13.48
N LEU A 249 4.03 -0.90 14.73
CA LEU A 249 4.78 -1.77 15.60
C LEU A 249 4.66 -3.22 15.12
N GLU A 250 3.49 -3.56 14.56
CA GLU A 250 3.18 -4.93 14.23
C GLU A 250 3.26 -5.30 12.74
N ALA A 251 3.39 -4.30 11.84
CA ALA A 251 3.36 -4.58 10.41
C ALA A 251 4.48 -5.54 10.02
N GLU A 252 5.62 -5.43 10.69
CA GLU A 252 6.75 -6.30 10.38
C GLU A 252 6.39 -7.74 10.70
N ARG A 253 5.77 -7.95 11.84
CA ARG A 253 5.42 -9.29 12.29
C ARG A 253 4.32 -9.89 11.40
N LEU A 254 3.28 -9.11 11.05
CA LEU A 254 2.24 -9.64 10.19
C LEU A 254 2.84 -10.10 8.84
N ASN A 255 3.81 -9.34 8.33
CA ASN A 255 4.43 -9.72 7.07
C ASN A 255 5.29 -10.97 7.25
N ARG A 256 6.02 -11.05 8.37
CA ARG A 256 6.83 -12.23 8.59
C ARG A 256 5.94 -13.48 8.74
N ASP A 257 4.82 -13.35 9.44
CA ASP A 257 3.87 -14.43 9.59
C ASP A 257 3.30 -14.85 8.24
N ALA A 258 3.01 -13.88 7.38
CA ALA A 258 2.49 -14.17 6.06
C ALA A 258 3.53 -14.95 5.25
N ARG A 259 4.80 -14.54 5.36
CA ARG A 259 5.85 -15.26 4.64
C ARG A 259 5.85 -16.72 5.10
N GLN A 260 5.75 -16.96 6.42
CA GLN A 260 5.70 -18.32 6.96
C GLN A 260 4.52 -19.10 6.38
N ARG A 261 3.33 -18.48 6.31
N ARG A 261 3.35 -18.45 6.27
CA ARG A 261 2.19 -19.16 5.70
CA ARG A 261 2.13 -19.03 5.70
C ARG A 261 2.49 -19.52 4.26
C ARG A 261 2.33 -19.39 4.22
N ILE A 262 3.11 -18.60 3.49
CA ILE A 262 3.41 -18.91 2.09
C ILE A 262 4.30 -20.16 2.01
N LEU A 263 5.31 -20.25 2.86
CA LEU A 263 6.14 -21.44 2.85
C LEU A 263 5.32 -22.68 3.25
N ALA A 264 4.40 -22.53 4.21
CA ALA A 264 3.61 -23.66 4.68
C ALA A 264 2.56 -24.12 3.66
N SER A 265 2.36 -23.35 2.58
CA SER A 265 1.36 -23.72 1.58
C SER A 265 1.83 -24.92 0.77
N GLY A 266 3.15 -25.03 0.62
CA GLY A 266 3.78 -26.08 -0.16
C GLY A 266 3.71 -25.83 -1.66
N ALA A 267 3.10 -24.73 -2.10
CA ALA A 267 2.93 -24.56 -3.54
C ALA A 267 3.79 -23.43 -4.12
N SER A 268 4.60 -22.78 -3.29
CA SER A 268 5.46 -21.69 -3.75
C SER A 268 6.84 -21.81 -3.12
N GLU A 269 7.82 -21.18 -3.75
CA GLU A 269 9.15 -21.14 -3.18
C GLU A 269 9.63 -19.71 -3.17
N ILE A 270 10.54 -19.43 -2.24
CA ILE A 270 11.08 -18.10 -2.08
C ILE A 270 12.58 -18.15 -2.29
N HIS A 271 13.05 -17.34 -3.25
CA HIS A 271 14.46 -17.18 -3.59
C HIS A 271 15.06 -16.05 -2.77
N THR A 272 16.19 -16.36 -2.09
CA THR A 272 17.02 -15.40 -1.42
C THR A 272 18.07 -14.95 -2.42
N LEU A 273 18.11 -13.65 -2.69
CA LEU A 273 19.07 -13.11 -3.64
C LEU A 273 20.48 -13.21 -3.08
N SER A 274 21.43 -13.62 -3.94
CA SER A 274 22.84 -13.58 -3.60
C SER A 274 23.28 -12.12 -3.58
N PRO A 275 24.42 -11.77 -2.97
CA PRO A 275 24.91 -10.40 -3.03
C PRO A 275 25.05 -9.85 -4.45
N GLN A 276 25.52 -10.69 -5.37
CA GLN A 276 25.67 -10.24 -6.75
C GLN A 276 24.29 -9.96 -7.35
N GLN A 277 23.31 -10.83 -7.09
CA GLN A 277 21.98 -10.63 -7.66
C GLN A 277 21.37 -9.35 -7.09
N ARG A 278 21.58 -9.09 -5.80
CA ARG A 278 21.07 -7.87 -5.19
C ARG A 278 21.61 -6.65 -5.93
N ALA A 279 22.90 -6.67 -6.25
CA ALA A 279 23.52 -5.56 -6.93
C ALA A 279 22.97 -5.45 -8.35
N ASP A 280 22.75 -6.60 -8.98
CA ASP A 280 22.26 -6.59 -10.36
C ASP A 280 20.85 -6.01 -10.41
N TRP A 281 19.98 -6.38 -9.47
CA TRP A 281 18.64 -5.83 -9.49
C TRP A 281 18.63 -4.32 -9.24
N ARG A 282 19.43 -3.85 -8.29
CA ARG A 282 19.56 -2.43 -8.05
C ARG A 282 20.02 -1.66 -9.28
N GLN A 283 21.05 -2.18 -9.97
N GLN A 283 21.03 -2.18 -9.99
CA GLN A 283 21.59 -1.55 -11.17
CA GLN A 283 21.56 -1.49 -11.15
C GLN A 283 20.51 -1.46 -12.26
C GLN A 283 20.52 -1.46 -12.28
N ALA A 284 19.74 -2.53 -12.41
CA ALA A 284 18.73 -2.60 -13.46
C ALA A 284 17.56 -1.64 -13.19
N MET A 285 17.28 -1.39 -11.91
CA MET A 285 16.08 -0.63 -11.59
C MET A 285 16.37 0.83 -11.26
N GLN A 286 17.55 1.16 -10.75
CA GLN A 286 17.83 2.54 -10.32
C GLN A 286 17.68 3.56 -11.46
N PRO A 287 17.90 3.25 -12.75
CA PRO A 287 17.67 4.25 -13.80
C PRO A 287 16.29 4.91 -13.84
N VAL A 288 15.28 4.30 -13.21
N VAL A 288 15.31 4.23 -13.22
CA VAL A 288 13.96 4.91 -13.28
CA VAL A 288 13.97 4.75 -13.09
C VAL A 288 13.92 6.19 -12.46
C VAL A 288 14.01 6.18 -12.55
N TRP A 289 14.87 6.39 -11.55
CA TRP A 289 14.85 7.63 -10.80
C TRP A 289 15.05 8.86 -11.69
N GLN A 290 15.79 8.68 -12.78
CA GLN A 290 16.09 9.75 -13.73
C GLN A 290 14.82 10.47 -14.18
N LYS A 291 13.72 9.73 -14.32
CA LYS A 291 12.49 10.29 -14.87
C LYS A 291 11.62 10.99 -13.82
N PHE A 292 11.96 10.83 -12.55
CA PHE A 292 11.19 11.39 -11.46
C PHE A 292 12.11 12.07 -10.45
N ARG A 293 12.77 13.14 -10.90
CA ARG A 293 13.66 13.91 -10.03
C ARG A 293 12.81 14.84 -9.14
C1 LMR B . -1.97 -2.96 -4.14
O1A LMR B . -1.14 -3.84 -4.46
O1B LMR B . -2.84 -2.49 -4.88
C2 LMR B . -1.90 -2.41 -2.71
O2 LMR B . -1.84 -0.99 -2.70
C3 LMR B . -3.07 -2.87 -1.86
C4 LMR B . -3.02 -2.29 -0.46
O4A LMR B . -3.78 -1.32 -0.17
O4B LMR B . -2.20 -2.77 0.31
#